data_7TPY
#
_entry.id   7TPY
#
_cell.length_a   45.438
_cell.length_b   73.726
_cell.length_c   74.543
_cell.angle_alpha   90.000
_cell.angle_beta   90.000
_cell.angle_gamma   90.000
#
_symmetry.space_group_name_H-M   'P 2 21 21'
#
loop_
_entity.id
_entity.type
_entity.pdbx_description
1 polymer 'Nitrogenase iron protein 1'
2 non-polymer 'IRON/SULFUR CLUSTER'
3 non-polymer "ADENOSINE-5'-DIPHOSPHATE"
4 non-polymer 'MAGNESIUM ION'
5 water water
#
_entity_poly.entity_id   1
_entity_poly.type   'polypeptide(L)'
_entity_poly.pdbx_seq_one_letter_code
;MAMRQCAIYGKGGIGKSTTTQNLVAALAEMGKKVMIVGCDPKADSTRLILHSKAQNTIMEMAAEAGTVEDLELEDVLKAG
YGGVKCVESGGPEPGVGCAGRGVITAINFLEEEGAYEDDLDFVFYDVLGDVVCGGFAMPIRENKAQEIYIVCSGEMMAMY
AANNISKGIVKYANSGSVRLGGLICNSRNTDREDELIIALANKLGTQMIHFVPRDNVVQRAEIRRMTVIEYDPKAKQADE
YRALARKVVDNKLLVIPNPITMDELEELLMEFGIMEVEDESIVGKTAEEV
;
_entity_poly.pdbx_strand_id   A
#
loop_
_chem_comp.id
_chem_comp.type
_chem_comp.name
_chem_comp.formula
ADP non-polymer ADENOSINE-5'-DIPHOSPHATE 'C10 H15 N5 O10 P2'
MG non-polymer 'MAGNESIUM ION' 'Mg 2'
SF4 non-polymer 'IRON/SULFUR CLUSTER' 'Fe4 S4'
#
# COMPACT_ATOMS: atom_id res chain seq x y z
N ALA A 2 -5.78 14.08 14.82
CA ALA A 2 -4.85 13.81 13.73
C ALA A 2 -5.05 12.38 13.24
N MET A 3 -4.55 12.12 12.04
CA MET A 3 -4.62 10.77 11.51
C MET A 3 -3.43 10.61 10.58
N ARG A 4 -2.81 9.45 10.63
CA ARG A 4 -1.64 9.23 9.79
C ARG A 4 -2.08 8.70 8.45
N GLN A 5 -1.60 9.34 7.40
CA GLN A 5 -1.94 9.00 6.03
C GLN A 5 -0.74 8.30 5.41
N CYS A 6 -0.91 7.01 5.17
CA CYS A 6 0.14 6.15 4.66
C CYS A 6 -0.25 5.57 3.32
N ALA A 7 0.73 5.41 2.46
CA ALA A 7 0.51 4.75 1.17
C ALA A 7 1.53 3.63 1.01
N ILE A 8 1.04 2.50 0.51
CA ILE A 8 1.84 1.32 0.26
C ILE A 8 1.99 1.22 -1.25
N TYR A 9 3.22 1.34 -1.74
CA TYR A 9 3.56 1.30 -3.17
C TYR A 9 4.46 0.10 -3.39
N GLY A 10 4.64 -0.26 -4.66
CA GLY A 10 5.49 -1.38 -5.01
C GLY A 10 5.06 -1.94 -6.35
N LYS A 11 5.91 -2.78 -6.93
CA LYS A 11 5.57 -3.36 -8.23
C LYS A 11 4.40 -4.33 -8.10
N GLY A 12 3.78 -4.62 -9.24
CA GLY A 12 2.63 -5.51 -9.23
C GLY A 12 3.00 -6.92 -8.79
N GLY A 13 2.13 -7.54 -8.02
CA GLY A 13 2.39 -8.89 -7.54
C GLY A 13 3.39 -9.02 -6.40
N ILE A 14 3.93 -7.91 -5.88
CA ILE A 14 4.96 -8.00 -4.85
C ILE A 14 4.39 -8.29 -3.46
N GLY A 15 3.09 -8.06 -3.24
CA GLY A 15 2.48 -8.28 -1.94
C GLY A 15 1.87 -7.06 -1.28
N LYS A 16 1.58 -6.01 -2.05
CA LYS A 16 1.01 -4.80 -1.45
C LYS A 16 -0.30 -5.10 -0.73
N SER A 17 -1.24 -5.75 -1.40
CA SER A 17 -2.58 -5.87 -0.84
C SER A 17 -2.60 -6.87 0.31
N THR A 18 -1.85 -7.96 0.19
CA THR A 18 -1.75 -8.91 1.29
C THR A 18 -1.10 -8.26 2.48
N THR A 19 0.01 -7.56 2.27
CA THR A 19 0.70 -6.91 3.38
C THR A 19 -0.17 -5.83 4.02
N THR A 20 -0.80 -4.99 3.19
CA THR A 20 -1.59 -3.88 3.74
C THR A 20 -2.77 -4.40 4.53
N GLN A 21 -3.53 -5.35 3.97
CA GLN A 21 -4.70 -5.83 4.68
C GLN A 21 -4.33 -6.53 5.98
N ASN A 22 -3.25 -7.32 5.98
CA ASN A 22 -2.83 -7.95 7.23
C ASN A 22 -2.29 -6.93 8.24
N LEU A 23 -1.47 -5.97 7.80
CA LEU A 23 -1.02 -4.91 8.69
CA LEU A 23 -1.02 -4.91 8.69
C LEU A 23 -2.19 -4.17 9.30
N VAL A 24 -3.19 -3.82 8.49
CA VAL A 24 -4.36 -3.09 8.96
C VAL A 24 -5.19 -3.94 9.92
N ALA A 25 -5.33 -5.24 9.64
CA ALA A 25 -6.05 -6.11 10.57
C ALA A 25 -5.35 -6.13 11.94
N ALA A 26 -4.01 -6.21 11.94
CA ALA A 26 -3.27 -6.15 13.19
C ALA A 26 -3.49 -4.80 13.89
N LEU A 27 -3.54 -3.69 13.13
CA LEU A 27 -3.81 -2.40 13.76
C LEU A 27 -5.20 -2.39 14.39
N ALA A 28 -6.19 -2.94 13.70
CA ALA A 28 -7.53 -2.95 14.27
C ALA A 28 -7.60 -3.85 15.50
N GLU A 29 -6.87 -4.96 15.46
CA GLU A 29 -6.80 -5.86 16.61
C GLU A 29 -6.23 -5.14 17.83
N MET A 30 -5.34 -4.18 17.59
CA MET A 30 -4.73 -3.35 18.62
C MET A 30 -5.68 -2.30 19.15
N GLY A 31 -6.78 -2.02 18.44
CA GLY A 31 -7.68 -0.96 18.81
C GLY A 31 -7.62 0.28 17.94
N LYS A 32 -6.90 0.27 16.83
CA LYS A 32 -6.86 1.43 15.96
C LYS A 32 -8.04 1.43 15.00
N LYS A 33 -8.48 2.63 14.62
CA LYS A 33 -9.52 2.81 13.62
C LYS A 33 -8.84 3.13 12.30
N VAL A 34 -9.14 2.34 11.26
CA VAL A 34 -8.38 2.41 10.02
C VAL A 34 -9.32 2.39 8.82
N MET A 35 -8.93 3.10 7.76
CA MET A 35 -9.59 3.02 6.46
C MET A 35 -8.56 2.62 5.41
N ILE A 36 -8.94 1.71 4.52
CA ILE A 36 -8.14 1.32 3.35
C ILE A 36 -8.79 1.88 2.09
N VAL A 37 -7.99 2.56 1.28
CA VAL A 37 -8.42 3.11 0.00
C VAL A 37 -7.66 2.38 -1.09
N GLY A 38 -8.36 1.54 -1.86
CA GLY A 38 -7.69 0.86 -2.95
C GLY A 38 -7.45 1.77 -4.14
N CYS A 39 -6.19 1.86 -4.56
CA CYS A 39 -5.74 2.70 -5.66
C CYS A 39 -5.01 1.87 -6.70
N ASP A 40 -5.49 0.65 -6.95
CA ASP A 40 -4.93 -0.25 -7.94
C ASP A 40 -6.10 -0.74 -8.78
N PRO A 41 -6.03 -0.63 -10.12
CA PRO A 41 -7.15 -1.09 -10.96
C PRO A 41 -7.57 -2.53 -10.74
N LYS A 42 -6.70 -3.38 -10.20
CA LYS A 42 -7.09 -4.76 -9.88
C LYS A 42 -8.28 -4.80 -8.93
N ALA A 43 -8.39 -3.82 -8.04
CA ALA A 43 -9.59 -3.59 -7.24
C ALA A 43 -9.91 -4.73 -6.28
N ASP A 44 -8.89 -5.47 -5.86
CA ASP A 44 -9.05 -6.51 -4.84
C ASP A 44 -8.29 -6.19 -3.56
N SER A 45 -8.05 -4.92 -3.28
CA SER A 45 -7.26 -4.48 -2.14
C SER A 45 -8.00 -4.54 -0.81
N THR A 46 -9.30 -4.81 -0.80
CA THR A 46 -10.10 -4.83 0.42
C THR A 46 -10.80 -6.15 0.65
N ARG A 47 -10.60 -7.15 -0.23
CA ARG A 47 -11.39 -8.36 -0.22
CA ARG A 47 -11.43 -8.35 -0.19
C ARG A 47 -11.17 -9.19 1.05
N LEU A 48 -9.97 -9.12 1.65
CA LEU A 48 -9.66 -9.94 2.81
C LEU A 48 -10.22 -9.34 4.10
N ILE A 49 -10.45 -8.02 4.12
CA ILE A 49 -11.17 -7.38 5.20
C ILE A 49 -12.67 -7.61 5.07
N LEU A 50 -13.19 -7.63 3.84
CA LEU A 50 -14.62 -7.76 3.58
C LEU A 50 -15.07 -9.20 3.39
N HIS A 51 -14.15 -10.17 3.37
CA HIS A 51 -14.52 -11.57 3.14
C HIS A 51 -15.18 -11.78 1.78
N SER A 52 -14.72 -11.04 0.78
CA SER A 52 -15.46 -10.84 -0.45
C SER A 52 -14.65 -11.32 -1.66
N LYS A 53 -15.33 -11.35 -2.81
CA LYS A 53 -14.61 -11.54 -4.06
C LYS A 53 -13.72 -10.34 -4.35
N ALA A 54 -14.30 -9.15 -4.35
CA ALA A 54 -13.56 -7.90 -4.39
C ALA A 54 -14.47 -6.84 -3.76
N GLN A 55 -14.54 -5.65 -4.36
CA GLN A 55 -15.47 -4.63 -3.92
C GLN A 55 -15.83 -3.79 -5.13
N ASN A 56 -17.11 -3.40 -5.24
CA ASN A 56 -17.52 -2.56 -6.35
C ASN A 56 -16.88 -1.18 -6.20
N THR A 57 -16.46 -0.59 -7.32
CA THR A 57 -15.58 0.56 -7.23
C THR A 57 -16.38 1.86 -7.32
N ILE A 58 -15.75 2.96 -6.90
CA ILE A 58 -16.42 4.25 -7.02
C ILE A 58 -16.71 4.56 -8.48
N MET A 59 -15.77 4.25 -9.38
CA MET A 59 -16.02 4.50 -10.80
CA MET A 59 -16.02 4.50 -10.80
C MET A 59 -17.25 3.73 -11.29
N GLU A 60 -17.35 2.45 -10.92
CA GLU A 60 -18.50 1.64 -11.33
C GLU A 60 -19.80 2.20 -10.75
N MET A 61 -19.78 2.52 -9.45
CA MET A 61 -21.01 2.97 -8.81
C MET A 61 -21.47 4.33 -9.32
N ALA A 62 -20.52 5.25 -9.54
CA ALA A 62 -20.87 6.53 -10.14
C ALA A 62 -21.55 6.33 -11.49
N ALA A 63 -21.03 5.42 -12.32
CA ALA A 63 -21.62 5.18 -13.63
C ALA A 63 -23.03 4.62 -13.51
N GLU A 64 -23.25 3.69 -12.59
CA GLU A 64 -24.59 3.13 -12.42
C GLU A 64 -25.56 4.11 -11.78
N ALA A 65 -25.05 5.06 -10.98
CA ALA A 65 -25.89 6.02 -10.27
C ALA A 65 -26.13 7.29 -11.06
N GLY A 66 -25.34 7.57 -12.09
CA GLY A 66 -25.46 8.81 -12.82
C GLY A 66 -24.20 9.64 -12.73
N THR A 67 -23.94 10.23 -11.56
CA THR A 67 -22.71 10.93 -11.28
C THR A 67 -22.20 10.50 -9.92
N VAL A 68 -20.93 10.83 -9.65
CA VAL A 68 -20.37 10.53 -8.34
C VAL A 68 -21.12 11.27 -7.24
N GLU A 69 -21.75 12.42 -7.57
CA GLU A 69 -22.52 13.16 -6.58
C GLU A 69 -23.81 12.47 -6.17
N ASP A 70 -24.31 11.54 -6.98
CA ASP A 70 -25.45 10.75 -6.56
C ASP A 70 -25.10 9.68 -5.53
N LEU A 71 -23.81 9.53 -5.23
CA LEU A 71 -23.38 8.56 -4.24
C LEU A 71 -23.24 9.22 -2.89
N GLU A 72 -23.55 8.46 -1.84
CA GLU A 72 -23.28 8.87 -0.48
C GLU A 72 -22.12 8.03 0.06
N LEU A 73 -21.43 8.58 1.06
CA LEU A 73 -20.29 7.87 1.62
C LEU A 73 -20.66 6.47 2.07
N GLU A 74 -21.86 6.31 2.64
CA GLU A 74 -22.29 4.99 3.13
C GLU A 74 -22.50 3.99 2.01
N ASP A 75 -22.78 4.45 0.79
CA ASP A 75 -22.91 3.54 -0.33
C ASP A 75 -21.57 2.95 -0.74
N VAL A 76 -20.48 3.69 -0.55
CA VAL A 76 -19.17 3.32 -1.08
CA VAL A 76 -19.18 3.31 -1.08
C VAL A 76 -18.30 2.67 -0.02
N LEU A 77 -18.33 3.20 1.21
CA LEU A 77 -17.47 2.68 2.27
C LEU A 77 -18.14 1.47 2.91
N LYS A 78 -17.39 0.39 3.04
CA LYS A 78 -17.92 -0.82 3.65
C LYS A 78 -16.98 -1.26 4.75
N ALA A 79 -17.54 -1.73 5.86
CA ALA A 79 -16.77 -2.15 7.02
C ALA A 79 -16.68 -3.67 7.07
N GLY A 80 -15.50 -4.16 7.44
CA GLY A 80 -15.23 -5.58 7.56
C GLY A 80 -14.60 -5.92 8.90
N TYR A 81 -13.65 -6.86 8.85
CA TYR A 81 -12.94 -7.30 10.05
C TYR A 81 -12.51 -6.10 10.90
N GLY A 82 -12.74 -6.21 12.20
CA GLY A 82 -12.29 -5.20 13.14
C GLY A 82 -12.86 -3.83 12.91
N GLY A 83 -13.92 -3.71 12.12
CA GLY A 83 -14.48 -2.41 11.80
C GLY A 83 -13.71 -1.61 10.77
N VAL A 84 -12.70 -2.22 10.14
CA VAL A 84 -11.91 -1.53 9.13
C VAL A 84 -12.79 -1.11 7.98
N LYS A 85 -12.70 0.17 7.59
CA LYS A 85 -13.51 0.72 6.52
C LYS A 85 -12.75 0.65 5.20
N CYS A 86 -13.46 0.29 4.13
CA CYS A 86 -12.85 -0.10 2.87
C CYS A 86 -13.55 0.57 1.70
N VAL A 87 -12.76 1.02 0.72
CA VAL A 87 -13.27 1.61 -0.50
C VAL A 87 -12.30 1.30 -1.63
N GLU A 88 -12.84 1.11 -2.83
CA GLU A 88 -12.04 0.88 -4.03
C GLU A 88 -12.27 1.99 -5.04
N SER A 89 -11.17 2.49 -5.63
CA SER A 89 -11.24 3.56 -6.62
C SER A 89 -11.82 3.06 -7.93
N GLY A 90 -11.29 1.96 -8.43
CA GLY A 90 -11.58 1.52 -9.78
C GLY A 90 -10.75 2.31 -10.78
N GLY A 91 -10.98 2.00 -12.05
CA GLY A 91 -10.31 2.67 -13.13
C GLY A 91 -10.93 2.26 -14.45
N PRO A 92 -10.59 2.97 -15.51
CA PRO A 92 -11.13 2.64 -16.83
C PRO A 92 -10.65 1.28 -17.30
N GLU A 93 -11.44 0.69 -18.21
CA GLU A 93 -11.08 -0.59 -18.80
C GLU A 93 -9.76 -0.47 -19.55
N PRO A 94 -9.04 -1.57 -19.70
CA PRO A 94 -7.76 -1.51 -20.42
C PRO A 94 -7.89 -0.96 -21.83
N GLY A 95 -6.92 -0.14 -22.20
CA GLY A 95 -6.86 0.48 -23.51
C GLY A 95 -7.64 1.76 -23.64
N VAL A 96 -8.37 2.15 -22.60
CA VAL A 96 -9.25 3.30 -22.62
C VAL A 96 -8.82 4.27 -21.51
N GLY A 97 -8.57 5.51 -21.88
N GLY A 97 -8.53 5.51 -21.88
CA GLY A 97 -8.23 6.51 -20.89
CA GLY A 97 -8.29 6.54 -20.87
C GLY A 97 -7.12 6.08 -19.96
C GLY A 97 -6.94 6.43 -20.20
N CYS A 98 -6.90 6.87 -18.94
CA CYS A 98 -5.74 6.76 -18.07
C CYS A 98 -6.06 5.78 -16.95
N ALA A 99 -5.21 4.76 -16.77
CA ALA A 99 -5.51 3.72 -15.80
C ALA A 99 -5.68 4.24 -14.38
N GLY A 100 -5.10 5.40 -14.08
CA GLY A 100 -5.17 5.96 -12.74
C GLY A 100 -6.26 6.98 -12.52
N ARG A 101 -7.12 7.20 -13.52
CA ARG A 101 -8.08 8.31 -13.42
C ARG A 101 -9.05 8.12 -12.27
N GLY A 102 -9.39 6.87 -11.94
CA GLY A 102 -10.32 6.62 -10.84
C GLY A 102 -9.79 7.02 -9.48
N VAL A 103 -8.45 6.99 -9.30
CA VAL A 103 -7.88 7.36 -8.01
C VAL A 103 -8.17 8.81 -7.69
N ILE A 104 -8.04 9.68 -8.69
CA ILE A 104 -8.34 11.09 -8.49
C ILE A 104 -9.79 11.28 -8.08
N THR A 105 -10.71 10.62 -8.79
CA THR A 105 -12.12 10.72 -8.44
C THR A 105 -12.38 10.23 -7.02
N ALA A 106 -11.77 9.10 -6.65
CA ALA A 106 -12.07 8.50 -5.34
C ALA A 106 -11.56 9.36 -4.20
N ILE A 107 -10.29 9.80 -4.27
CA ILE A 107 -9.74 10.54 -3.15
C ILE A 107 -10.49 11.86 -2.97
N ASN A 108 -10.83 12.53 -4.07
CA ASN A 108 -11.57 13.77 -3.94
C ASN A 108 -12.95 13.53 -3.35
N PHE A 109 -13.64 12.48 -3.79
CA PHE A 109 -14.94 12.14 -3.23
C PHE A 109 -14.84 11.92 -1.73
N LEU A 110 -13.83 11.17 -1.29
CA LEU A 110 -13.72 10.85 0.13
C LEU A 110 -13.46 12.08 0.97
N GLU A 111 -12.60 12.97 0.48
CA GLU A 111 -12.32 14.22 1.20
C GLU A 111 -13.58 15.08 1.30
N GLU A 112 -14.27 15.28 0.18
CA GLU A 112 -15.46 16.11 0.17
C GLU A 112 -16.56 15.54 1.04
N GLU A 113 -16.75 14.22 1.03
CA GLU A 113 -17.83 13.60 1.77
C GLU A 113 -17.54 13.41 3.25
N GLY A 114 -16.39 13.86 3.72
CA GLY A 114 -16.06 13.78 5.13
C GLY A 114 -15.72 12.38 5.61
N ALA A 115 -15.11 11.56 4.74
CA ALA A 115 -14.65 10.25 5.18
C ALA A 115 -13.50 10.35 6.17
N TYR A 116 -12.77 11.47 6.16
CA TYR A 116 -11.61 11.62 7.03
C TYR A 116 -12.06 12.18 8.39
N GLU A 117 -12.90 11.37 9.06
CA GLU A 117 -13.42 11.70 10.39
C GLU A 117 -12.28 11.69 11.41
N ASP A 118 -12.37 12.60 12.38
CA ASP A 118 -11.30 12.77 13.36
C ASP A 118 -10.97 11.48 14.11
N ASP A 119 -11.92 10.55 14.20
CA ASP A 119 -11.67 9.34 14.97
C ASP A 119 -10.81 8.32 14.22
N LEU A 120 -10.62 8.47 12.92
CA LEU A 120 -9.67 7.61 12.22
C LEU A 120 -8.28 7.82 12.79
N ASP A 121 -7.54 6.73 12.97
CA ASP A 121 -6.15 6.81 13.37
C ASP A 121 -5.20 6.69 12.18
N PHE A 122 -5.57 5.91 11.17
CA PHE A 122 -4.76 5.67 10.00
C PHE A 122 -5.64 5.57 8.77
N VAL A 123 -5.12 6.07 7.65
CA VAL A 123 -5.62 5.76 6.32
C VAL A 123 -4.48 5.12 5.55
N PHE A 124 -4.76 4.00 4.87
CA PHE A 124 -3.77 3.35 4.01
C PHE A 124 -4.29 3.37 2.57
N TYR A 125 -3.48 3.93 1.66
CA TYR A 125 -3.72 3.81 0.23
C TYR A 125 -2.88 2.67 -0.32
N ASP A 126 -3.50 1.80 -1.11
CA ASP A 126 -2.81 0.67 -1.74
C ASP A 126 -2.66 1.04 -3.21
N VAL A 127 -1.45 1.41 -3.64
CA VAL A 127 -1.27 2.11 -4.90
C VAL A 127 -0.41 1.27 -5.84
N LEU A 128 -0.91 1.05 -7.05
CA LEU A 128 -0.06 0.50 -8.11
C LEU A 128 1.20 1.36 -8.29
N GLY A 129 2.36 0.70 -8.39
CA GLY A 129 3.64 1.39 -8.42
C GLY A 129 4.54 1.09 -9.61
N ASP A 130 4.02 0.40 -10.63
CA ASP A 130 4.85 0.07 -11.79
C ASP A 130 5.10 1.29 -12.67
N VAL A 131 4.20 2.25 -12.63
CA VAL A 131 4.39 3.56 -13.22
C VAL A 131 4.00 4.56 -12.14
N VAL A 132 4.63 5.73 -12.18
CA VAL A 132 4.33 6.78 -11.19
C VAL A 132 3.83 7.99 -11.96
N CYS A 133 2.56 7.97 -12.33
CA CYS A 133 2.02 8.99 -13.21
C CYS A 133 0.51 8.99 -13.08
N GLY A 134 -0.10 10.05 -13.61
CA GLY A 134 -1.55 10.17 -13.51
C GLY A 134 -2.02 10.01 -12.09
N GLY A 135 -3.15 9.33 -11.93
CA GLY A 135 -3.73 9.10 -10.61
C GLY A 135 -2.82 8.34 -9.66
N PHE A 136 -1.92 7.51 -10.17
CA PHE A 136 -0.99 6.81 -9.27
C PHE A 136 0.04 7.73 -8.67
N ALA A 137 0.36 8.84 -9.33
CA ALA A 137 1.22 9.88 -8.76
C ALA A 137 0.47 10.85 -7.86
N MET A 138 -0.85 10.89 -7.96
CA MET A 138 -1.59 11.94 -7.27
C MET A 138 -1.43 11.89 -5.76
N PRO A 139 -1.38 10.72 -5.09
CA PRO A 139 -1.14 10.73 -3.64
C PRO A 139 0.16 11.39 -3.26
N ILE A 140 1.18 11.35 -4.13
CA ILE A 140 2.45 12.02 -3.87
C ILE A 140 2.37 13.48 -4.27
N ARG A 141 1.93 13.73 -5.51
CA ARG A 141 1.90 15.08 -6.06
C ARG A 141 0.99 16.00 -5.24
N GLU A 142 -0.14 15.48 -4.79
CA GLU A 142 -1.15 16.29 -4.12
C GLU A 142 -1.15 16.10 -2.61
N ASN A 143 -0.06 15.52 -2.06
CA ASN A 143 0.15 15.53 -0.62
C ASN A 143 -0.93 14.75 0.13
N LYS A 144 -1.33 13.61 -0.42
CA LYS A 144 -2.37 12.81 0.22
C LYS A 144 -1.81 11.78 1.18
N ALA A 145 -0.71 11.14 0.83
CA ALA A 145 -0.10 10.12 1.69
C ALA A 145 1.25 10.64 2.16
N GLN A 146 1.30 11.11 3.41
CA GLN A 146 2.54 11.69 3.90
C GLN A 146 3.61 10.63 4.13
N GLU A 147 3.24 9.38 4.39
CA GLU A 147 4.21 8.33 4.73
C GLU A 147 4.11 7.24 3.68
N ILE A 148 5.15 7.07 2.88
CA ILE A 148 5.18 6.03 1.85
C ILE A 148 5.99 4.85 2.38
N TYR A 149 5.41 3.65 2.30
CA TYR A 149 6.11 2.42 2.60
C TYR A 149 6.13 1.61 1.32
N ILE A 150 7.29 1.11 0.94
CA ILE A 150 7.45 0.40 -0.33
C ILE A 150 7.66 -1.08 -0.04
N VAL A 151 6.75 -1.92 -0.53
CA VAL A 151 6.95 -3.36 -0.45
C VAL A 151 7.88 -3.78 -1.59
N CYS A 152 8.91 -4.56 -1.25
CA CYS A 152 9.83 -5.01 -2.31
C CYS A 152 10.38 -6.35 -1.88
N SER A 153 11.40 -6.80 -2.60
CA SER A 153 12.07 -8.07 -2.34
C SER A 153 13.43 -8.03 -3.03
N GLY A 154 14.20 -9.11 -2.88
CA GLY A 154 15.48 -9.18 -3.57
C GLY A 154 15.38 -9.23 -5.10
N GLU A 155 14.17 -9.37 -5.64
CA GLU A 155 13.98 -9.27 -7.09
C GLU A 155 14.51 -7.93 -7.60
N MET A 156 15.36 -7.98 -8.64
CA MET A 156 15.82 -6.74 -9.26
CA MET A 156 15.82 -6.76 -9.31
C MET A 156 14.66 -5.82 -9.63
N MET A 157 13.59 -6.34 -10.26
CA MET A 157 12.52 -5.45 -10.65
CA MET A 157 12.52 -5.44 -10.65
C MET A 157 11.84 -4.81 -9.45
N ALA A 158 11.75 -5.53 -8.33
CA ALA A 158 11.11 -4.95 -7.15
C ALA A 158 11.96 -3.84 -6.57
N MET A 159 13.29 -3.99 -6.64
CA MET A 159 14.18 -2.94 -6.12
C MET A 159 14.21 -1.74 -7.06
N TYR A 160 14.19 -1.99 -8.38
CA TYR A 160 14.05 -0.93 -9.36
C TYR A 160 12.78 -0.13 -9.11
N ALA A 161 11.65 -0.80 -8.90
CA ALA A 161 10.42 -0.10 -8.60
C ALA A 161 10.57 0.79 -7.36
N ALA A 162 11.20 0.25 -6.30
CA ALA A 162 11.42 1.05 -5.10
C ALA A 162 12.21 2.33 -5.41
N ASN A 163 13.25 2.19 -6.24
CA ASN A 163 14.03 3.37 -6.64
C ASN A 163 13.19 4.36 -7.44
N ASN A 164 12.35 3.85 -8.34
CA ASN A 164 11.54 4.75 -9.15
C ASN A 164 10.51 5.50 -8.31
N ILE A 165 9.84 4.80 -7.39
CA ILE A 165 8.92 5.48 -6.49
C ILE A 165 9.67 6.54 -5.68
N SER A 166 10.88 6.23 -5.22
CA SER A 166 11.68 7.20 -4.47
C SER A 166 11.99 8.44 -5.31
N LYS A 167 12.27 8.26 -6.61
CA LYS A 167 12.46 9.42 -7.49
C LYS A 167 11.22 10.29 -7.55
N GLY A 168 10.02 9.68 -7.56
CA GLY A 168 8.82 10.48 -7.54
C GLY A 168 8.66 11.28 -6.27
N ILE A 169 9.04 10.70 -5.13
CA ILE A 169 9.00 11.44 -3.88
C ILE A 169 9.93 12.65 -3.94
N VAL A 170 11.15 12.46 -4.45
CA VAL A 170 12.11 13.55 -4.53
C VAL A 170 11.55 14.68 -5.40
N LYS A 171 10.89 14.30 -6.50
CA LYS A 171 10.39 15.29 -7.45
C LYS A 171 9.46 16.29 -6.78
N TYR A 172 8.67 15.85 -5.80
CA TYR A 172 7.68 16.71 -5.15
C TYR A 172 8.09 17.15 -3.76
N ALA A 173 9.38 17.06 -3.44
CA ALA A 173 9.83 17.38 -2.08
C ALA A 173 9.69 18.85 -1.75
N ASN A 174 9.58 19.73 -2.74
CA ASN A 174 9.49 21.16 -2.48
C ASN A 174 8.09 21.60 -2.05
N SER A 175 7.10 20.73 -2.20
CA SER A 175 5.73 21.03 -1.80
C SER A 175 5.26 19.89 -0.91
N GLY A 176 4.17 20.15 -0.19
CA GLY A 176 3.61 19.15 0.71
C GLY A 176 4.62 18.50 1.64
N SER A 177 4.25 17.35 2.19
CA SER A 177 5.04 16.68 3.22
C SER A 177 5.24 15.20 2.93
N VAL A 178 5.18 14.78 1.65
CA VAL A 178 5.28 13.36 1.33
C VAL A 178 6.71 12.90 1.51
N ARG A 179 6.91 11.81 2.26
CA ARG A 179 8.24 11.30 2.57
C ARG A 179 8.22 9.78 2.51
N LEU A 180 9.40 9.21 2.30
CA LEU A 180 9.58 7.77 2.38
C LEU A 180 9.74 7.35 3.83
N GLY A 181 8.86 6.47 4.30
CA GLY A 181 8.89 5.94 5.65
C GLY A 181 9.65 4.64 5.83
N GLY A 182 9.81 3.83 4.78
CA GLY A 182 10.58 2.62 4.94
C GLY A 182 10.31 1.65 3.81
N LEU A 183 11.15 0.62 3.79
CA LEU A 183 10.95 -0.54 2.89
C LEU A 183 10.42 -1.70 3.72
N ILE A 184 9.53 -2.49 3.12
CA ILE A 184 9.05 -3.74 3.72
C ILE A 184 9.51 -4.84 2.79
N CYS A 185 10.33 -5.76 3.31
CA CYS A 185 10.79 -6.87 2.48
C CYS A 185 9.79 -8.01 2.58
N ASN A 186 9.21 -8.39 1.43
CA ASN A 186 8.27 -9.50 1.38
C ASN A 186 9.05 -10.64 0.76
N SER A 187 9.44 -11.59 1.61
CA SER A 187 10.51 -12.54 1.28
C SER A 187 10.19 -13.44 0.10
N ARG A 188 11.21 -13.67 -0.72
CA ARG A 188 11.22 -14.74 -1.71
C ARG A 188 11.87 -16.01 -1.18
N ASN A 189 12.14 -16.09 0.12
CA ASN A 189 12.76 -17.26 0.73
C ASN A 189 14.15 -17.52 0.16
N THR A 190 14.95 -16.47 0.05
CA THR A 190 16.31 -16.56 -0.42
C THR A 190 17.27 -16.12 0.69
N ASP A 191 18.49 -16.66 0.64
CA ASP A 191 19.49 -16.38 1.65
C ASP A 191 19.96 -14.93 1.57
N ARG A 192 20.22 -14.33 2.73
CA ARG A 192 20.73 -12.96 2.82
C ARG A 192 19.72 -11.91 2.39
N GLU A 193 18.47 -12.31 2.10
CA GLU A 193 17.54 -11.34 1.51
C GLU A 193 17.28 -10.18 2.47
N ASP A 194 17.14 -10.47 3.77
CA ASP A 194 16.96 -9.39 4.72
C ASP A 194 18.12 -8.41 4.67
N GLU A 195 19.34 -8.93 4.60
CA GLU A 195 20.52 -8.07 4.58
C GLU A 195 20.55 -7.23 3.29
N LEU A 196 20.09 -7.81 2.19
CA LEU A 196 20.06 -7.08 0.92
C LEU A 196 19.11 -5.89 1.00
N ILE A 197 17.91 -6.09 1.55
CA ILE A 197 16.94 -5.00 1.61
C ILE A 197 17.35 -3.97 2.67
N ILE A 198 17.97 -4.40 3.76
CA ILE A 198 18.58 -3.45 4.71
C ILE A 198 19.59 -2.56 3.99
N ALA A 199 20.46 -3.17 3.19
CA ALA A 199 21.48 -2.39 2.48
C ALA A 199 20.86 -1.40 1.49
N LEU A 200 19.82 -1.84 0.77
CA LEU A 200 19.12 -0.92 -0.13
C LEU A 200 18.49 0.24 0.63
N ALA A 201 17.82 -0.07 1.75
CA ALA A 201 17.21 0.99 2.55
C ALA A 201 18.25 1.98 3.01
N ASN A 202 19.40 1.51 3.51
CA ASN A 202 20.44 2.43 3.94
C ASN A 202 20.92 3.31 2.79
N LYS A 203 21.04 2.75 1.59
CA LYS A 203 21.50 3.56 0.45
C LYS A 203 20.49 4.64 0.09
N LEU A 204 19.19 4.34 0.20
CA LEU A 204 18.16 5.33 -0.06
C LEU A 204 18.00 6.34 1.06
N GLY A 205 18.56 6.05 2.23
CA GLY A 205 18.41 6.91 3.39
C GLY A 205 17.29 6.56 4.33
N THR A 206 16.65 5.40 4.17
CA THR A 206 15.52 4.96 4.98
C THR A 206 15.93 3.72 5.79
N GLN A 207 14.96 2.84 6.10
CA GLN A 207 15.22 1.65 6.89
C GLN A 207 14.32 0.55 6.36
N MET A 208 14.71 -0.71 6.58
CA MET A 208 13.79 -1.85 6.48
C MET A 208 12.90 -1.93 7.70
N ILE A 209 11.62 -1.59 7.54
CA ILE A 209 10.74 -1.58 8.69
C ILE A 209 10.44 -3.01 9.18
N HIS A 210 10.29 -3.96 8.26
CA HIS A 210 10.12 -5.36 8.66
C HIS A 210 10.45 -6.28 7.51
N PHE A 211 10.88 -7.50 7.85
CA PHE A 211 11.07 -8.60 6.91
C PHE A 211 9.91 -9.57 7.10
N VAL A 212 9.03 -9.65 6.10
CA VAL A 212 7.87 -10.53 6.13
C VAL A 212 8.27 -11.86 5.49
N PRO A 213 8.25 -12.97 6.23
CA PRO A 213 8.62 -14.26 5.63
C PRO A 213 7.57 -14.72 4.61
N ARG A 214 8.01 -15.60 3.72
CA ARG A 214 7.09 -16.31 2.82
C ARG A 214 6.48 -17.45 3.62
N ASP A 215 5.15 -17.50 3.70
CA ASP A 215 4.48 -18.52 4.52
C ASP A 215 3.18 -18.93 3.83
N ASN A 216 3.03 -20.24 3.57
CA ASN A 216 1.87 -20.74 2.85
C ASN A 216 0.55 -20.47 3.57
N VAL A 217 0.60 -20.15 4.87
CA VAL A 217 -0.63 -19.81 5.59
C VAL A 217 -1.32 -18.62 4.95
N VAL A 218 -0.55 -17.77 4.29
CA VAL A 218 -1.16 -16.64 3.56
C VAL A 218 -2.14 -17.16 2.51
N GLN A 219 -1.73 -18.16 1.72
CA GLN A 219 -2.61 -18.67 0.68
C GLN A 219 -3.82 -19.34 1.29
N ARG A 220 -3.62 -20.09 2.38
CA ARG A 220 -4.75 -20.78 3.00
C ARG A 220 -5.76 -19.79 3.55
N ALA A 221 -5.27 -18.67 4.10
CA ALA A 221 -6.17 -17.62 4.56
C ALA A 221 -6.89 -16.94 3.41
N GLU A 222 -6.18 -16.66 2.31
CA GLU A 222 -6.78 -15.88 1.25
C GLU A 222 -7.77 -16.69 0.44
N ILE A 223 -7.57 -18.00 0.35
CA ILE A 223 -8.55 -18.87 -0.29
C ILE A 223 -9.88 -18.75 0.43
N ARG A 224 -9.84 -18.48 1.73
CA ARG A 224 -11.02 -18.27 2.55
C ARG A 224 -11.38 -16.79 2.70
N ARG A 225 -10.77 -15.92 1.89
CA ARG A 225 -11.06 -14.48 1.90
C ARG A 225 -10.82 -13.83 3.26
N MET A 226 -9.73 -14.19 3.91
CA MET A 226 -9.40 -13.57 5.19
C MET A 226 -7.93 -13.18 5.26
N THR A 227 -7.65 -12.24 6.16
CA THR A 227 -6.29 -12.01 6.57
C THR A 227 -5.82 -13.18 7.45
N VAL A 228 -4.51 -13.33 7.57
CA VAL A 228 -3.98 -14.33 8.51
C VAL A 228 -4.35 -13.97 9.93
N ILE A 229 -4.41 -12.66 10.22
CA ILE A 229 -4.79 -12.19 11.54
C ILE A 229 -6.14 -12.76 11.96
N GLU A 230 -7.12 -12.74 11.05
CA GLU A 230 -8.44 -13.30 11.35
C GLU A 230 -8.46 -14.83 11.20
N TYR A 231 -7.85 -15.34 10.14
CA TYR A 231 -7.93 -16.77 9.82
C TYR A 231 -7.30 -17.64 10.92
N ASP A 232 -6.12 -17.27 11.40
CA ASP A 232 -5.41 -18.06 12.40
C ASP A 232 -4.59 -17.12 13.28
N PRO A 233 -5.23 -16.53 14.29
CA PRO A 233 -4.53 -15.53 15.11
C PRO A 233 -3.31 -16.07 15.85
N LYS A 234 -3.16 -17.38 15.98
CA LYS A 234 -1.98 -17.95 16.64
C LYS A 234 -0.84 -18.24 15.68
N ALA A 235 -1.02 -18.03 14.37
CA ALA A 235 0.01 -18.37 13.41
C ALA A 235 1.26 -17.53 13.64
N LYS A 236 2.41 -18.12 13.35
CA LYS A 236 3.65 -17.36 13.37
C LYS A 236 3.55 -16.15 12.43
N GLN A 237 2.92 -16.34 11.27
CA GLN A 237 2.81 -15.24 10.32
C GLN A 237 1.92 -14.12 10.84
N ALA A 238 0.91 -14.45 11.65
CA ALA A 238 0.13 -13.39 12.30
C ALA A 238 1.01 -12.53 13.20
N ASP A 239 1.91 -13.15 13.95
CA ASP A 239 2.86 -12.39 14.78
C ASP A 239 3.80 -11.55 13.94
N GLU A 240 4.17 -12.03 12.75
CA GLU A 240 4.99 -11.21 11.85
C GLU A 240 4.26 -9.94 11.46
N TYR A 241 2.98 -10.05 11.08
CA TYR A 241 2.22 -8.84 10.71
C TYR A 241 1.99 -7.94 11.93
N ARG A 242 1.86 -8.52 13.12
CA ARG A 242 1.74 -7.70 14.32
C ARG A 242 3.02 -6.92 14.59
N ALA A 243 4.18 -7.53 14.31
CA ALA A 243 5.46 -6.84 14.48
C ALA A 243 5.59 -5.70 13.47
N LEU A 244 5.22 -5.96 12.21
CA LEU A 244 5.20 -4.91 11.20
C LEU A 244 4.30 -3.77 11.62
N ALA A 245 3.08 -4.07 12.08
CA ALA A 245 2.16 -3.01 12.50
C ALA A 245 2.74 -2.20 13.66
N ARG A 246 3.34 -2.88 14.65
CA ARG A 246 3.95 -2.17 15.77
C ARG A 246 5.00 -1.19 15.28
N LYS A 247 5.84 -1.63 14.34
CA LYS A 247 6.95 -0.81 13.88
C LYS A 247 6.47 0.35 13.01
N VAL A 248 5.41 0.15 12.21
CA VAL A 248 4.81 1.28 11.52
C VAL A 248 4.28 2.31 12.51
N VAL A 249 3.57 1.85 13.54
CA VAL A 249 3.04 2.78 14.55
C VAL A 249 4.18 3.58 15.18
N ASP A 250 5.28 2.91 15.53
CA ASP A 250 6.39 3.52 16.24
C ASP A 250 7.34 4.29 15.32
N ASN A 251 7.21 4.17 14.01
CA ASN A 251 8.23 4.72 13.11
C ASN A 251 8.22 6.24 13.15
N LYS A 252 9.40 6.83 13.29
CA LYS A 252 9.56 8.27 13.27
C LYS A 252 10.48 8.76 12.16
N LEU A 253 11.04 7.86 11.35
CA LEU A 253 11.97 8.25 10.29
C LEU A 253 11.18 8.39 8.99
N LEU A 254 11.07 9.64 8.52
CA LEU A 254 10.40 9.97 7.27
C LEU A 254 11.33 10.90 6.51
N VAL A 255 11.83 10.45 5.36
CA VAL A 255 12.92 11.17 4.71
C VAL A 255 12.57 11.50 3.26
N ILE A 256 13.29 12.48 2.73
CA ILE A 256 13.38 12.63 1.28
C ILE A 256 14.48 11.68 0.84
N PRO A 257 14.15 10.65 0.07
CA PRO A 257 15.12 9.58 -0.18
C PRO A 257 16.20 10.00 -1.17
N ASN A 258 17.26 9.20 -1.21
CA ASN A 258 18.39 9.42 -2.12
CA ASN A 258 18.38 9.41 -2.13
C ASN A 258 18.37 8.31 -3.17
N PRO A 259 17.73 8.51 -4.32
CA PRO A 259 17.70 7.46 -5.35
C PRO A 259 19.11 7.08 -5.79
N ILE A 260 19.27 5.80 -6.09
CA ILE A 260 20.56 5.25 -6.48
C ILE A 260 20.62 5.03 -7.98
N THR A 261 21.81 4.79 -8.49
CA THR A 261 22.05 4.49 -9.89
C THR A 261 21.91 2.99 -10.14
N MET A 262 21.71 2.65 -11.42
CA MET A 262 21.57 1.23 -11.73
C MET A 262 22.86 0.47 -11.41
N ASP A 263 24.01 1.15 -11.47
CA ASP A 263 25.26 0.52 -11.07
C ASP A 263 25.24 0.13 -9.60
N GLU A 264 24.69 1.01 -8.75
CA GLU A 264 24.57 0.71 -7.32
CA GLU A 264 24.56 0.71 -7.32
C GLU A 264 23.63 -0.48 -7.08
N LEU A 265 22.48 -0.50 -7.77
CA LEU A 265 21.57 -1.63 -7.64
C LEU A 265 22.25 -2.94 -8.05
N GLU A 266 22.91 -2.94 -9.21
CA GLU A 266 23.54 -4.16 -9.69
C GLU A 266 24.65 -4.62 -8.76
N GLU A 267 25.40 -3.68 -8.19
CA GLU A 267 26.43 -4.05 -7.23
C GLU A 267 25.83 -4.71 -5.99
N LEU A 268 24.72 -4.17 -5.48
CA LEU A 268 24.03 -4.80 -4.35
C LEU A 268 23.73 -6.27 -4.64
N LEU A 269 23.08 -6.54 -5.76
CA LEU A 269 22.72 -7.93 -6.06
C LEU A 269 23.95 -8.81 -6.26
N MET A 270 24.94 -8.31 -7.00
CA MET A 270 26.19 -9.06 -7.15
C MET A 270 26.80 -9.39 -5.79
N GLU A 271 26.92 -8.39 -4.92
CA GLU A 271 27.55 -8.61 -3.62
C GLU A 271 26.83 -9.70 -2.83
N PHE A 272 25.53 -9.52 -2.62
CA PHE A 272 24.81 -10.46 -1.76
C PHE A 272 24.59 -11.83 -2.41
N GLY A 273 25.16 -12.03 -3.60
CA GLY A 273 25.11 -13.31 -4.29
C GLY A 273 23.71 -13.84 -4.43
FE1 SF4 B . -2.20 7.57 -17.09
FE2 SF4 B . 0.35 6.83 -16.51
S3 SF4 B . -1.56 5.72 -15.88
S4 SF4 B . -0.38 8.95 -17.05
PB ADP C . 0.01 -6.86 -5.12
O1B ADP C . -0.23 -7.06 -6.60
O2B ADP C . -1.15 -6.30 -4.33
O3B ADP C . 1.32 -6.21 -4.81
PA ADP C . -0.68 -9.22 -3.54
O1A ADP C . -2.01 -9.51 -4.23
O2A ADP C . -0.66 -8.67 -2.15
O3A ADP C . 0.25 -8.35 -4.55
O5' ADP C . 0.16 -10.58 -3.42
C5' ADP C . 0.35 -11.38 -4.58
C4' ADP C . 0.34 -12.86 -4.22
O4' ADP C . 1.42 -13.19 -3.33
C3' ADP C . -0.94 -13.31 -3.52
O3' ADP C . -1.35 -14.59 -4.02
C2' ADP C . -0.60 -13.54 -2.07
O2' ADP C . -1.28 -14.62 -1.48
C1' ADP C . 0.89 -13.85 -2.17
N9 ADP C . 1.69 -13.41 -1.02
C8 ADP C . 1.95 -12.14 -0.69
N7 ADP C . 2.73 -12.09 0.41
C5 ADP C . 2.99 -13.36 0.77
C6 ADP C . 3.74 -14.02 1.84
N6 ADP C . 4.40 -13.27 2.74
N1 ADP C . 3.75 -15.37 1.88
C2 ADP C . 3.09 -16.11 0.97
N3 ADP C . 2.38 -15.57 -0.04
C4 ADP C . 2.30 -14.22 -0.18
H5'1 ADP C . 1.30 -11.12 -5.05
H5'2 ADP C . -0.45 -11.18 -5.30
H4' ADP C . 0.44 -13.39 -5.18
H3' ADP C . -1.72 -12.56 -3.68
HO3' ADP C . -2.23 -14.80 -3.67
H2' ADP C . -0.88 -12.69 -1.44
HO2' ADP C . -1.61 -14.36 -0.61
H1' ADP C . 0.94 -14.95 -2.20
H8 ADP C . 1.59 -11.27 -1.24
HN61 ADP C . 4.89 -13.72 3.46
HN62 ADP C . 4.36 -12.27 2.68
H2 ADP C . 3.13 -17.19 1.05
MG MG D . -3.02 -5.55 -4.90
#